data_6PQ1
#
_entry.id   6PQ1
#
_cell.length_a   95.019
_cell.length_b   95.019
_cell.length_c   78.523
_cell.angle_alpha   90.000
_cell.angle_beta   90.000
_cell.angle_gamma   120.000
#
_symmetry.space_group_name_H-M   'P 32 2 1'
#
loop_
_entity.id
_entity.type
_entity.pdbx_description
1 polymer 'Orange carotenoid-binding protein'
2 non-polymer "beta,beta-carotene-4,4'-dione"
3 water water
#
_entity_poly.entity_id   1
_entity_poly.type   'polypeptide(L)'
_entity_poly.pdbx_seq_one_letter_code
;MPFTIDSARGIFPETLTADSVPATIARFNQLSAEDQLALIWFAYLEMGKTITIAAPGAANMVFAENTLNELKQMSFQEQT
QVMCDLANRADTPICRTYAIWSVNIKLGFWYRLAEWMEQGIVAPIPQGYRLSANAAAVLQAIRELDAGQQITVLRNSVVD
MGYDPSKLGSYTKVSEPVAPPKEMAKRTPVTIEGIDNPTILSYMDNLNANDFDALIELFTPDGALQPPFQKPIAGKEAVY
RFFREDCQNLKLIPQRGVSEAVEDGYTQIKVTGTVQTPWFGASVGMNMAWRFLLTPENKIFFVAIDLLASPKELLNLVRH
HHHHHH
;
_entity_poly.pdbx_strand_id   A
#
loop_
_chem_comp.id
_chem_comp.type
_chem_comp.name
_chem_comp.formula
45D non-polymer beta,beta-carotene-4,4'-dione 'C40 H52 O2'
#
# COMPACT_ATOMS: atom_id res chain seq x y z
N PRO A 2 8.34 19.18 -23.55
CA PRO A 2 8.37 19.93 -22.28
C PRO A 2 8.01 18.99 -21.11
N PHE A 3 6.93 19.25 -20.38
CA PHE A 3 6.50 18.32 -19.36
C PHE A 3 5.51 17.29 -19.90
N THR A 4 5.86 16.03 -19.67
CA THR A 4 5.03 14.85 -19.85
C THR A 4 4.89 14.19 -18.48
N ILE A 5 4.05 13.18 -18.41
CA ILE A 5 4.00 12.39 -17.17
C ILE A 5 5.35 11.77 -16.89
N ASP A 6 6.01 11.26 -17.93
CA ASP A 6 7.27 10.56 -17.70
C ASP A 6 8.35 11.51 -17.17
N SER A 7 8.44 12.71 -17.70
CA SER A 7 9.44 13.63 -17.19
C SER A 7 9.06 14.16 -15.80
N ALA A 8 7.76 14.24 -15.52
CA ALA A 8 7.32 14.72 -14.20
C ALA A 8 7.71 13.77 -13.10
N ARG A 9 7.83 12.46 -13.42
CA ARG A 9 8.29 11.50 -12.43
C ARG A 9 9.62 11.90 -11.78
N GLY A 10 10.46 12.63 -12.48
CA GLY A 10 11.78 12.99 -12.00
C GLY A 10 11.90 14.25 -11.16
N ILE A 11 10.81 14.90 -10.82
CA ILE A 11 10.96 16.15 -10.03
C ILE A 11 11.52 15.85 -8.64
N PHE A 12 12.28 16.76 -8.08
CA PHE A 12 12.88 16.60 -6.77
C PHE A 12 13.73 15.32 -6.70
N PRO A 13 14.63 15.11 -7.63
CA PRO A 13 15.38 13.86 -7.72
C PRO A 13 16.28 13.58 -6.53
N GLU A 14 16.54 14.56 -5.64
CA GLU A 14 17.27 14.33 -4.41
C GLU A 14 16.44 13.58 -3.36
N THR A 15 15.16 13.33 -3.64
CA THR A 15 14.29 12.59 -2.72
C THR A 15 14.74 11.14 -2.70
N LEU A 16 15.19 10.65 -1.55
CA LEU A 16 15.70 9.28 -1.43
C LEU A 16 14.56 8.40 -0.91
N THR A 17 14.06 7.53 -1.74
CA THR A 17 12.97 6.62 -1.42
C THR A 17 13.52 5.28 -0.90
N ALA A 18 12.63 4.53 -0.18
CA ALA A 18 13.00 3.30 0.44
C ALA A 18 13.05 2.12 -0.53
N ASP A 19 14.03 2.16 -1.44
CA ASP A 19 14.06 1.10 -2.40
C ASP A 19 14.56 -0.20 -1.81
N SER A 20 14.85 -0.22 -0.50
CA SER A 20 15.00 -1.52 0.18
C SER A 20 13.71 -2.32 0.20
N VAL A 21 12.57 -1.71 0.01
CA VAL A 21 11.29 -2.47 -0.08
C VAL A 21 11.26 -3.32 -1.33
N PRO A 22 11.39 -2.77 -2.56
CA PRO A 22 11.44 -3.65 -3.71
C PRO A 22 12.65 -4.58 -3.70
N ALA A 23 13.81 -4.13 -3.16
CA ALA A 23 14.97 -5.00 -3.04
C ALA A 23 14.64 -6.25 -2.20
N THR A 24 14.04 -6.03 -1.05
CA THR A 24 13.69 -7.16 -0.15
C THR A 24 12.65 -8.08 -0.74
N ILE A 25 11.65 -7.54 -1.41
CA ILE A 25 10.68 -8.34 -2.17
C ILE A 25 11.37 -9.21 -3.21
N ALA A 26 12.37 -8.66 -3.93
CA ALA A 26 13.05 -9.49 -4.89
C ALA A 26 13.78 -10.66 -4.25
N ARG A 27 14.40 -10.42 -3.09
CA ARG A 27 15.06 -11.50 -2.35
C ARG A 27 14.06 -12.58 -1.88
N PHE A 28 12.96 -12.09 -1.32
CA PHE A 28 11.84 -12.96 -0.90
C PHE A 28 11.33 -13.83 -2.01
N ASN A 29 11.22 -13.29 -3.24
CA ASN A 29 10.69 -14.03 -4.37
C ASN A 29 11.64 -15.14 -4.86
N GLN A 30 12.89 -15.20 -4.39
CA GLN A 30 13.77 -16.32 -4.70
C GLN A 30 13.49 -17.55 -3.86
N LEU A 31 12.78 -17.40 -2.76
CA LEU A 31 12.63 -18.46 -1.76
C LEU A 31 11.49 -19.43 -2.09
N SER A 32 11.63 -20.64 -1.54
CA SER A 32 10.53 -21.62 -1.67
C SER A 32 9.25 -21.10 -1.04
N ALA A 33 8.14 -21.63 -1.51
CA ALA A 33 6.85 -21.29 -0.92
C ALA A 33 6.83 -21.57 0.56
N GLU A 34 7.32 -22.76 0.99
CA GLU A 34 7.35 -23.06 2.41
C GLU A 34 8.19 -22.08 3.21
N ASP A 35 9.35 -21.64 2.65
CA ASP A 35 10.10 -20.68 3.41
C ASP A 35 9.43 -19.30 3.43
N GLN A 36 8.75 -18.94 2.35
CA GLN A 36 8.00 -17.66 2.30
C GLN A 36 6.95 -17.61 3.39
N LEU A 37 6.17 -18.71 3.53
CA LEU A 37 5.13 -18.74 4.56
C LEU A 37 5.71 -18.68 5.93
N ALA A 38 6.73 -19.50 6.19
CA ALA A 38 7.39 -19.47 7.47
C ALA A 38 7.97 -18.11 7.83
N LEU A 39 8.67 -17.51 6.84
CA LEU A 39 9.28 -16.23 7.04
C LEU A 39 8.29 -15.14 7.41
N ILE A 40 7.15 -15.08 6.69
CA ILE A 40 6.14 -14.10 6.98
C ILE A 40 5.53 -14.38 8.38
N TRP A 41 5.30 -15.66 8.67
CA TRP A 41 4.83 -15.99 10.03
C TRP A 41 5.72 -15.43 11.09
N PHE A 42 7.03 -15.68 11.00
CA PHE A 42 7.95 -15.21 12.01
C PHE A 42 8.05 -13.69 12.05
N ALA A 43 8.05 -13.03 10.88
CA ALA A 43 8.10 -11.60 10.83
C ALA A 43 6.88 -10.95 11.44
N TYR A 44 5.71 -11.49 11.16
CA TYR A 44 4.43 -10.98 11.64
C TYR A 44 4.28 -11.17 13.18
N LEU A 45 4.74 -12.31 13.64
CA LEU A 45 4.77 -12.57 15.09
C LEU A 45 5.64 -11.54 15.77
N GLU A 46 6.87 -11.29 15.24
CA GLU A 46 7.75 -10.36 15.94
C GLU A 46 7.21 -8.92 15.82
N MET A 47 6.66 -8.57 14.65
CA MET A 47 6.10 -7.24 14.47
C MET A 47 4.98 -6.97 15.45
N GLY A 48 4.18 -7.98 15.74
CA GLY A 48 3.02 -7.80 16.58
C GLY A 48 3.35 -7.41 17.99
N LYS A 49 4.59 -7.60 18.41
CA LYS A 49 4.97 -7.20 19.76
C LYS A 49 4.97 -5.70 19.95
N THR A 50 5.12 -4.92 18.86
CA THR A 50 5.18 -3.47 18.97
C THR A 50 4.21 -2.71 18.06
N ILE A 51 3.57 -3.35 17.09
CA ILE A 51 2.58 -2.68 16.30
C ILE A 51 1.28 -3.44 16.46
N THR A 52 0.18 -2.75 16.21
CA THR A 52 -1.15 -3.26 16.53
C THR A 52 -1.99 -3.29 15.26
N ILE A 53 -2.25 -4.47 14.75
CA ILE A 53 -3.07 -4.59 13.56
C ILE A 53 -4.54 -4.52 13.95
N ALA A 54 -5.33 -3.88 13.11
CA ALA A 54 -6.77 -3.71 13.28
C ALA A 54 -7.54 -4.81 12.55
N ALA A 55 -8.62 -5.26 13.15
CA ALA A 55 -9.41 -6.33 12.53
C ALA A 55 -10.10 -5.86 11.26
N PRO A 56 -10.24 -6.76 10.28
CA PRO A 56 -11.01 -6.41 9.08
C PRO A 56 -12.47 -6.13 9.44
N GLY A 57 -13.09 -5.28 8.62
CA GLY A 57 -14.50 -4.99 8.79
C GLY A 57 -15.39 -6.11 8.25
N ALA A 58 -16.68 -6.00 8.56
CA ALA A 58 -17.62 -7.07 8.21
C ALA A 58 -17.79 -7.18 6.69
N ALA A 59 -17.88 -6.05 5.99
CA ALA A 59 -18.07 -6.10 4.54
C ALA A 59 -16.82 -6.57 3.83
N ASN A 60 -15.63 -6.31 4.40
CA ASN A 60 -14.43 -6.86 3.80
C ASN A 60 -14.55 -8.37 3.73
N MET A 61 -15.03 -8.96 4.81
CA MET A 61 -14.87 -10.39 4.98
C MET A 61 -15.95 -11.20 4.28
N VAL A 62 -17.06 -10.58 3.88
CA VAL A 62 -18.14 -11.31 3.20
C VAL A 62 -17.64 -11.90 1.89
N PHE A 63 -16.65 -11.25 1.25
CA PHE A 63 -16.18 -11.69 -0.05
C PHE A 63 -15.21 -12.84 0.08
N ALA A 64 -14.51 -12.93 1.22
CA ALA A 64 -13.57 -14.01 1.46
C ALA A 64 -14.19 -15.19 2.18
N GLU A 65 -15.42 -15.04 2.64
CA GLU A 65 -16.05 -16.02 3.54
C GLU A 65 -16.10 -17.42 2.94
N ASN A 66 -16.51 -17.55 1.66
CA ASN A 66 -16.67 -18.89 1.12
C ASN A 66 -15.33 -19.61 1.09
N THR A 67 -14.27 -18.90 0.68
CA THR A 67 -12.95 -19.51 0.62
C THR A 67 -12.44 -19.87 2.02
N LEU A 68 -12.64 -18.99 2.99
CA LEU A 68 -12.23 -19.27 4.37
C LEU A 68 -12.98 -20.49 4.94
N ASN A 69 -14.27 -20.61 4.64
CA ASN A 69 -14.98 -21.80 5.11
C ASN A 69 -14.53 -23.09 4.43
N GLU A 70 -14.16 -23.04 3.15
CA GLU A 70 -13.50 -24.17 2.51
C GLU A 70 -12.25 -24.57 3.28
N LEU A 71 -11.44 -23.57 3.64
CA LEU A 71 -10.22 -23.84 4.39
C LEU A 71 -10.49 -24.37 5.79
N LYS A 72 -11.38 -23.71 6.54
CA LYS A 72 -11.79 -24.20 7.86
C LYS A 72 -12.09 -25.70 7.85
N GLN A 73 -12.58 -26.23 6.74
CA GLN A 73 -12.96 -27.63 6.68
C GLN A 73 -11.83 -28.56 6.29
N MET A 74 -10.75 -28.05 5.75
CA MET A 74 -9.72 -28.91 5.21
C MET A 74 -8.84 -29.52 6.29
N SER A 75 -8.16 -30.59 5.92
CA SER A 75 -7.14 -31.15 6.78
C SER A 75 -6.01 -30.14 6.91
N PHE A 76 -5.24 -30.24 8.01
CA PHE A 76 -4.04 -29.44 8.13
C PHE A 76 -3.18 -29.55 6.86
N GLN A 77 -3.02 -30.76 6.34
CA GLN A 77 -2.17 -30.94 5.16
C GLN A 77 -2.72 -30.16 3.98
N GLU A 78 -4.03 -30.25 3.75
CA GLU A 78 -4.67 -29.59 2.61
C GLU A 78 -4.57 -28.08 2.74
N GLN A 79 -4.78 -27.57 3.95
CA GLN A 79 -4.65 -26.15 4.26
C GLN A 79 -3.25 -25.63 3.88
N THR A 80 -2.21 -26.30 4.36
CA THR A 80 -0.84 -25.95 3.94
C THR A 80 -0.66 -25.94 2.44
N GLN A 81 -1.23 -26.92 1.74
CA GLN A 81 -1.08 -26.97 0.30
C GLN A 81 -1.74 -25.77 -0.40
N VAL A 82 -2.92 -25.36 0.08
CA VAL A 82 -3.55 -24.17 -0.48
C VAL A 82 -2.66 -22.96 -0.27
N MET A 83 -2.08 -22.84 0.92
CA MET A 83 -1.19 -21.68 1.20
C MET A 83 0.04 -21.69 0.29
N CYS A 84 0.62 -22.87 0.06
CA CYS A 84 1.72 -22.94 -0.87
C CYS A 84 1.29 -22.62 -2.28
N ASP A 85 0.09 -23.07 -2.68
CA ASP A 85 -0.43 -22.73 -3.99
C ASP A 85 -0.50 -21.20 -4.17
N LEU A 86 -1.02 -20.51 -3.15
CA LEU A 86 -1.12 -19.07 -3.19
C LEU A 86 0.27 -18.44 -3.35
N ALA A 87 1.23 -18.91 -2.56
CA ALA A 87 2.59 -18.32 -2.62
C ALA A 87 3.23 -18.58 -3.96
N ASN A 88 2.97 -19.79 -4.51
CA ASN A 88 3.50 -20.13 -5.83
C ASN A 88 2.74 -19.54 -7.02
N ARG A 89 1.62 -18.86 -6.80
CA ARG A 89 0.83 -18.27 -7.85
C ARG A 89 0.33 -19.37 -8.79
N ALA A 90 -0.01 -20.50 -8.20
CA ALA A 90 -0.45 -21.67 -8.95
C ALA A 90 -1.81 -21.40 -9.59
N ASP A 91 -2.16 -22.24 -10.57
CA ASP A 91 -3.47 -22.18 -11.24
C ASP A 91 -4.36 -23.19 -10.54
N THR A 92 -5.09 -22.73 -9.54
CA THR A 92 -6.09 -23.51 -8.84
C THR A 92 -7.33 -22.63 -8.70
N PRO A 93 -8.46 -23.25 -8.40
CA PRO A 93 -9.69 -22.41 -8.26
C PRO A 93 -9.55 -21.37 -7.16
N ILE A 94 -8.98 -21.72 -6.01
CA ILE A 94 -8.77 -20.74 -4.94
C ILE A 94 -7.81 -19.64 -5.38
N CYS A 95 -6.70 -20.01 -6.04
CA CYS A 95 -5.81 -18.96 -6.53
C CYS A 95 -6.44 -18.06 -7.57
N ARG A 96 -7.41 -18.58 -8.36
CA ARG A 96 -8.09 -17.72 -9.31
C ARG A 96 -9.14 -16.83 -8.66
N THR A 97 -9.77 -17.33 -7.61
CA THR A 97 -10.67 -16.50 -6.82
C THR A 97 -9.90 -15.36 -6.15
N TYR A 98 -8.77 -15.70 -5.55
CA TYR A 98 -8.03 -14.66 -4.85
C TYR A 98 -7.47 -13.65 -5.77
N ALA A 99 -7.19 -14.01 -7.01
CA ALA A 99 -6.63 -13.04 -7.95
C ALA A 99 -7.52 -11.83 -8.21
N ILE A 100 -8.84 -11.94 -8.05
CA ILE A 100 -9.68 -10.81 -8.41
C ILE A 100 -10.05 -9.95 -7.21
N TRP A 101 -9.55 -10.28 -6.02
CA TRP A 101 -9.86 -9.53 -4.83
C TRP A 101 -9.05 -8.25 -4.76
N SER A 102 -9.66 -7.22 -4.19
CA SER A 102 -8.91 -6.03 -3.88
C SER A 102 -7.87 -6.34 -2.81
N VAL A 103 -6.90 -5.45 -2.72
CA VAL A 103 -5.82 -5.51 -1.74
C VAL A 103 -6.40 -5.75 -0.36
N ASN A 104 -7.38 -4.95 0.06
CA ASN A 104 -7.82 -5.07 1.44
C ASN A 104 -8.59 -6.38 1.71
N ILE A 105 -9.25 -6.94 0.71
CA ILE A 105 -9.87 -8.25 0.88
C ILE A 105 -8.81 -9.35 1.05
N LYS A 106 -7.76 -9.33 0.22
CA LYS A 106 -6.66 -10.29 0.40
C LYS A 106 -6.03 -10.14 1.78
N LEU A 107 -5.86 -8.88 2.21
CA LEU A 107 -5.25 -8.70 3.54
C LEU A 107 -6.12 -9.25 4.64
N GLY A 108 -7.42 -9.06 4.52
CA GLY A 108 -8.32 -9.60 5.53
C GLY A 108 -8.36 -11.12 5.54
N PHE A 109 -8.24 -11.73 4.38
CA PHE A 109 -8.14 -13.18 4.25
C PHE A 109 -6.97 -13.68 5.07
N TRP A 110 -5.78 -13.07 4.87
CA TRP A 110 -4.60 -13.53 5.57
C TRP A 110 -4.65 -13.16 7.04
N TYR A 111 -5.32 -12.09 7.41
CA TYR A 111 -5.45 -11.82 8.83
C TYR A 111 -6.30 -12.91 9.49
N ARG A 112 -7.32 -13.39 8.84
CA ARG A 112 -8.07 -14.50 9.44
C ARG A 112 -7.24 -15.75 9.51
N LEU A 113 -6.45 -16.04 8.46
CA LEU A 113 -5.63 -17.23 8.51
C LEU A 113 -4.59 -17.10 9.64
N ALA A 114 -4.08 -15.88 9.86
CA ALA A 114 -3.10 -15.71 10.95
C ALA A 114 -3.74 -16.02 12.31
N GLU A 115 -4.95 -15.54 12.52
CA GLU A 115 -5.69 -15.92 13.75
C GLU A 115 -5.87 -17.42 13.86
N TRP A 116 -6.38 -18.04 12.81
CA TRP A 116 -6.60 -19.47 12.86
C TRP A 116 -5.31 -20.22 13.11
N MET A 117 -4.21 -19.82 12.44
CA MET A 117 -2.96 -20.54 12.67
C MET A 117 -2.54 -20.42 14.14
N GLU A 118 -2.68 -19.24 14.71
CA GLU A 118 -2.37 -19.07 16.13
C GLU A 118 -3.22 -20.06 16.94
N GLN A 119 -4.54 -19.90 16.83
CA GLN A 119 -5.45 -20.52 17.77
C GLN A 119 -5.94 -21.88 17.33
N GLY A 120 -5.17 -22.58 16.49
CA GLY A 120 -5.29 -24.01 16.34
C GLY A 120 -5.98 -24.48 15.07
N ILE A 121 -6.73 -23.61 14.41
CA ILE A 121 -7.69 -24.04 13.38
C ILE A 121 -7.04 -24.29 12.05
N VAL A 122 -5.94 -23.56 11.71
CA VAL A 122 -5.22 -23.81 10.48
C VAL A 122 -3.79 -24.28 10.81
N ALA A 123 -3.29 -25.15 9.98
CA ALA A 123 -2.00 -25.80 10.14
C ALA A 123 -0.92 -24.77 10.47
N PRO A 124 -0.29 -24.88 11.62
CA PRO A 124 0.76 -23.94 11.98
C PRO A 124 1.99 -24.15 11.10
N ILE A 125 2.92 -23.19 11.20
CA ILE A 125 4.26 -23.49 10.73
C ILE A 125 4.81 -24.62 11.58
N PRO A 126 5.38 -25.67 10.98
CA PRO A 126 5.89 -26.78 11.79
C PRO A 126 6.83 -26.34 12.88
N GLN A 127 6.68 -26.94 14.05
CA GLN A 127 7.62 -26.65 15.13
C GLN A 127 9.03 -27.04 14.69
N GLY A 128 10.01 -26.22 15.07
CA GLY A 128 11.37 -26.49 14.64
C GLY A 128 11.59 -26.38 13.14
N TYR A 129 10.74 -25.63 12.45
CA TYR A 129 10.96 -25.37 11.04
C TYR A 129 12.31 -24.70 10.87
N ARG A 130 13.04 -25.07 9.82
CA ARG A 130 14.34 -24.48 9.55
C ARG A 130 14.36 -23.75 8.19
N LEU A 131 14.42 -22.42 8.29
CA LEU A 131 14.59 -21.62 7.09
C LEU A 131 15.91 -21.96 6.39
N SER A 132 15.86 -21.84 5.08
CA SER A 132 17.11 -21.89 4.30
C SER A 132 18.02 -20.76 4.69
N ALA A 133 19.32 -20.88 4.29
CA ALA A 133 20.25 -19.83 4.63
C ALA A 133 19.81 -18.48 4.04
N ASN A 134 19.39 -18.51 2.78
CA ASN A 134 18.93 -17.24 2.17
C ASN A 134 17.67 -16.71 2.85
N ALA A 135 16.75 -17.63 3.24
CA ALA A 135 15.49 -17.16 3.86
C ALA A 135 15.77 -16.58 5.24
N ALA A 136 16.65 -17.19 6.00
CA ALA A 136 17.06 -16.64 7.30
C ALA A 136 17.62 -15.24 7.16
N ALA A 137 18.43 -14.99 6.11
CA ALA A 137 18.94 -13.66 5.88
C ALA A 137 17.87 -12.67 5.45
N VAL A 138 16.87 -13.12 4.66
CA VAL A 138 15.80 -12.20 4.28
C VAL A 138 14.99 -11.78 5.53
N LEU A 139 14.73 -12.76 6.43
CA LEU A 139 13.98 -12.46 7.65
C LEU A 139 14.70 -11.46 8.49
N GLN A 140 16.04 -11.61 8.64
CA GLN A 140 16.81 -10.64 9.38
C GLN A 140 16.80 -9.30 8.70
N ALA A 141 16.85 -9.29 7.35
CA ALA A 141 16.75 -8.01 6.68
C ALA A 141 15.43 -7.32 6.99
N ILE A 142 14.30 -8.06 7.01
CA ILE A 142 13.01 -7.46 7.31
C ILE A 142 12.98 -6.93 8.76
N ARG A 143 13.61 -7.65 9.66
CA ARG A 143 13.66 -7.20 11.05
C ARG A 143 14.35 -5.84 11.20
N GLU A 144 15.34 -5.55 10.36
CA GLU A 144 16.10 -4.32 10.42
C GLU A 144 15.45 -3.16 9.69
N LEU A 145 14.40 -3.41 8.91
CA LEU A 145 13.63 -2.36 8.27
C LEU A 145 12.80 -1.60 9.29
N ASP A 146 12.48 -0.34 8.96
CA ASP A 146 11.60 0.41 9.85
C ASP A 146 10.17 -0.05 9.65
N ALA A 147 9.31 0.28 10.61
CA ALA A 147 7.99 -0.33 10.60
C ALA A 147 7.20 -0.07 9.34
N GLY A 148 7.25 1.18 8.81
CA GLY A 148 6.59 1.47 7.57
C GLY A 148 7.09 0.60 6.42
N GLN A 149 8.39 0.38 6.37
CA GLN A 149 8.95 -0.49 5.32
C GLN A 149 8.51 -1.94 5.51
N GLN A 150 8.47 -2.40 6.79
CA GLN A 150 8.06 -3.78 7.07
C GLN A 150 6.63 -4.03 6.60
N ILE A 151 5.70 -3.15 6.93
CA ILE A 151 4.31 -3.42 6.61
C ILE A 151 4.10 -3.32 5.10
N THR A 152 4.95 -2.47 4.39
CA THR A 152 4.87 -2.42 2.93
C THR A 152 5.35 -3.72 2.29
N VAL A 153 6.41 -4.30 2.82
CA VAL A 153 6.87 -5.63 2.35
C VAL A 153 5.79 -6.69 2.60
N LEU A 154 5.26 -6.74 3.82
CA LEU A 154 4.22 -7.72 4.08
C LEU A 154 3.02 -7.56 3.13
N ARG A 155 2.51 -6.32 2.95
CA ARG A 155 1.40 -6.13 2.08
C ARG A 155 1.72 -6.57 0.65
N ASN A 156 2.90 -6.21 0.17
CA ASN A 156 3.28 -6.56 -1.20
CA ASN A 156 3.27 -6.59 -1.19
C ASN A 156 3.31 -8.09 -1.34
N SER A 157 3.81 -8.77 -0.36
CA SER A 157 3.87 -10.23 -0.45
CA SER A 157 3.87 -10.23 -0.44
C SER A 157 2.48 -10.82 -0.56
N VAL A 158 1.51 -10.26 0.17
CA VAL A 158 0.11 -10.69 0.09
C VAL A 158 -0.48 -10.39 -1.29
N VAL A 159 -0.27 -9.16 -1.78
CA VAL A 159 -0.91 -8.75 -3.03
C VAL A 159 -0.46 -9.61 -4.18
N ASP A 160 0.82 -10.02 -4.17
CA ASP A 160 1.39 -10.82 -5.25
C ASP A 160 0.99 -12.29 -5.25
N MET A 161 0.35 -12.81 -4.22
CA MET A 161 -0.02 -14.23 -4.20
C MET A 161 -1.24 -14.45 -5.11
N GLY A 162 -1.47 -15.72 -5.38
CA GLY A 162 -2.56 -16.13 -6.26
C GLY A 162 -2.17 -16.12 -7.71
N TYR A 163 -3.15 -16.48 -8.52
CA TYR A 163 -2.91 -16.56 -9.95
C TYR A 163 -2.70 -15.19 -10.55
N ASP A 164 -1.80 -15.11 -11.53
CA ASP A 164 -1.47 -13.87 -12.23
C ASP A 164 -2.76 -13.31 -12.82
N PRO A 165 -3.25 -12.18 -12.31
CA PRO A 165 -4.48 -11.61 -12.88
C PRO A 165 -4.32 -11.21 -14.34
N SER A 166 -3.10 -10.95 -14.80
CA SER A 166 -2.89 -10.67 -16.23
C SER A 166 -3.37 -11.83 -17.08
N LYS A 167 -3.25 -13.04 -16.57
CA LYS A 167 -3.56 -14.29 -17.24
C LYS A 167 -5.05 -14.66 -17.16
N LEU A 168 -5.90 -13.77 -16.66
CA LEU A 168 -7.31 -14.08 -16.48
C LEU A 168 -8.21 -13.57 -17.60
N GLY A 169 -7.82 -12.52 -18.30
CA GLY A 169 -8.67 -11.92 -19.32
C GLY A 169 -9.51 -10.80 -18.74
N SER A 170 -10.82 -10.83 -19.00
CA SER A 170 -11.75 -9.81 -18.56
C SER A 170 -12.49 -10.34 -17.33
N TYR A 171 -12.70 -9.47 -16.34
CA TYR A 171 -12.94 -10.02 -15.01
C TYR A 171 -13.45 -8.85 -14.18
N THR A 172 -14.39 -9.13 -13.30
CA THR A 172 -14.91 -8.13 -12.38
C THR A 172 -14.07 -8.07 -11.11
N LYS A 173 -13.45 -6.93 -10.86
CA LYS A 173 -12.67 -6.77 -9.62
C LYS A 173 -13.64 -6.62 -8.46
N VAL A 174 -13.42 -7.41 -7.42
CA VAL A 174 -14.24 -7.43 -6.23
C VAL A 174 -13.61 -6.47 -5.20
N SER A 175 -14.40 -5.53 -4.71
CA SER A 175 -13.92 -4.51 -3.80
C SER A 175 -14.99 -4.17 -2.78
N GLU A 176 -14.57 -3.55 -1.67
CA GLU A 176 -15.51 -3.18 -0.63
C GLU A 176 -16.45 -2.09 -1.15
N PRO A 177 -17.62 -1.91 -0.53
CA PRO A 177 -18.37 -0.68 -0.76
C PRO A 177 -17.55 0.52 -0.32
N VAL A 178 -17.75 1.64 -1.01
CA VAL A 178 -17.03 2.86 -0.71
C VAL A 178 -17.65 3.55 0.49
N ALA A 179 -16.81 3.94 1.44
CA ALA A 179 -17.26 4.71 2.58
C ALA A 179 -17.80 6.07 2.12
N PRO A 180 -18.71 6.65 2.89
CA PRO A 180 -19.24 7.96 2.53
C PRO A 180 -18.25 9.05 2.92
N PRO A 181 -18.30 10.19 2.25
CA PRO A 181 -17.44 11.31 2.64
C PRO A 181 -17.74 11.75 4.06
N LYS A 182 -16.70 11.94 4.86
CA LYS A 182 -16.87 12.45 6.20
C LYS A 182 -17.61 13.81 6.13
N GLU A 183 -18.55 14.05 7.07
CA GLU A 183 -19.23 15.35 7.04
C GLU A 183 -18.22 16.49 7.03
N MET A 184 -18.45 17.46 6.14
CA MET A 184 -17.58 18.63 6.07
C MET A 184 -17.29 19.23 7.44
N ALA A 185 -18.31 19.36 8.29
CA ALA A 185 -18.10 20.06 9.55
C ALA A 185 -17.11 19.34 10.43
N LYS A 186 -17.08 18.02 10.37
CA LYS A 186 -16.32 17.19 11.30
C LYS A 186 -14.86 16.99 10.87
N ARG A 187 -14.48 17.50 9.71
CA ARG A 187 -13.13 17.26 9.20
C ARG A 187 -12.12 18.08 9.99
N THR A 188 -10.90 17.56 10.08
CA THR A 188 -9.81 18.32 10.71
C THR A 188 -8.81 18.73 9.63
N PRO A 189 -8.80 19.99 9.18
CA PRO A 189 -7.91 20.36 8.07
C PRO A 189 -6.46 20.19 8.44
N VAL A 190 -5.66 19.80 7.44
CA VAL A 190 -4.24 19.73 7.65
C VAL A 190 -3.63 21.12 7.68
N THR A 191 -2.42 21.19 8.22
CA THR A 191 -1.55 22.36 8.17
C THR A 191 -0.21 21.91 7.61
N ILE A 192 0.39 22.71 6.75
CA ILE A 192 1.67 22.39 6.15
C ILE A 192 2.55 23.62 6.23
N GLU A 193 3.63 23.52 6.99
CA GLU A 193 4.58 24.60 7.12
C GLU A 193 5.27 24.87 5.81
N GLY A 194 5.20 26.11 5.32
CA GLY A 194 5.79 26.49 4.08
C GLY A 194 4.86 26.42 2.89
N ILE A 195 3.66 25.89 3.04
CA ILE A 195 2.74 25.68 1.91
C ILE A 195 1.34 26.17 2.28
N ASP A 196 0.78 27.04 1.43
CA ASP A 196 -0.62 27.40 1.59
C ASP A 196 -1.41 27.19 0.31
N ASN A 197 -0.80 26.55 -0.68
CA ASN A 197 -1.49 26.32 -1.95
C ASN A 197 -2.78 25.58 -1.74
N PRO A 198 -3.90 26.13 -2.22
CA PRO A 198 -5.20 25.55 -1.90
C PRO A 198 -5.43 24.14 -2.46
N THR A 199 -4.80 23.83 -3.59
CA THR A 199 -4.96 22.50 -4.15
C THR A 199 -4.28 21.47 -3.28
N ILE A 200 -3.09 21.80 -2.78
CA ILE A 200 -2.38 20.81 -1.97
C ILE A 200 -3.16 20.54 -0.69
N LEU A 201 -3.72 21.60 -0.06
CA LEU A 201 -4.48 21.39 1.15
C LEU A 201 -5.77 20.64 0.85
N SER A 202 -6.39 20.90 -0.31
CA SER A 202 -7.62 20.21 -0.66
C SER A 202 -7.33 18.76 -0.94
N TYR A 203 -6.18 18.48 -1.57
CA TYR A 203 -5.87 17.06 -1.78
C TYR A 203 -5.72 16.29 -0.50
N MET A 204 -5.07 16.87 0.51
CA MET A 204 -4.86 16.19 1.75
C MET A 204 -6.22 16.05 2.44
N ASP A 205 -7.00 17.14 2.45
CA ASP A 205 -8.21 17.11 3.26
C ASP A 205 -9.29 16.24 2.65
N ASN A 206 -9.43 16.26 1.35
CA ASN A 206 -10.42 15.38 0.73
C ASN A 206 -10.03 13.92 0.88
N LEU A 207 -8.74 13.57 0.69
CA LEU A 207 -8.39 12.17 0.92
C LEU A 207 -8.65 11.76 2.37
N ASN A 208 -8.31 12.61 3.35
CA ASN A 208 -8.59 12.32 4.75
C ASN A 208 -10.07 12.19 5.03
N ALA A 209 -10.91 12.72 4.16
CA ALA A 209 -12.36 12.66 4.35
C ALA A 209 -13.03 11.63 3.46
N ASN A 210 -12.26 10.80 2.75
CA ASN A 210 -12.84 9.85 1.84
C ASN A 210 -13.75 10.53 0.82
N ASP A 211 -13.45 11.78 0.45
CA ASP A 211 -14.27 12.54 -0.49
C ASP A 211 -13.62 12.47 -1.88
N PHE A 212 -13.77 11.32 -2.51
CA PHE A 212 -13.06 11.08 -3.76
C PHE A 212 -13.64 11.89 -4.90
N ASP A 213 -14.91 12.33 -4.80
CA ASP A 213 -15.49 13.09 -5.91
C ASP A 213 -14.90 14.48 -5.98
N ALA A 214 -14.63 15.07 -4.81
CA ALA A 214 -13.95 16.36 -4.75
C ALA A 214 -12.47 16.22 -5.07
N LEU A 215 -11.84 15.15 -4.57
CA LEU A 215 -10.42 14.93 -4.84
C LEU A 215 -10.15 14.90 -6.30
N ILE A 216 -10.95 14.11 -7.06
CA ILE A 216 -10.63 13.87 -8.45
C ILE A 216 -10.75 15.16 -9.27
N GLU A 217 -11.58 16.10 -8.80
CA GLU A 217 -11.71 17.33 -9.58
C GLU A 217 -10.48 18.21 -9.45
N LEU A 218 -9.59 17.89 -8.53
CA LEU A 218 -8.33 18.61 -8.48
C LEU A 218 -7.41 18.24 -9.63
N PHE A 219 -7.66 17.12 -10.33
CA PHE A 219 -6.71 16.75 -11.34
C PHE A 219 -7.10 17.27 -12.72
N THR A 220 -6.08 17.41 -13.58
CA THR A 220 -6.30 17.60 -15.00
C THR A 220 -6.91 16.31 -15.57
N PRO A 221 -7.60 16.42 -16.71
CA PRO A 221 -8.23 15.21 -17.28
C PRO A 221 -7.23 14.11 -17.50
N ASP A 222 -6.03 14.45 -17.95
CA ASP A 222 -4.98 13.48 -18.20
C ASP A 222 -4.01 13.36 -17.02
N GLY A 223 -4.36 13.92 -15.87
CA GLY A 223 -3.40 13.91 -14.74
C GLY A 223 -3.16 12.49 -14.26
N ALA A 224 -1.99 12.30 -13.64
CA ALA A 224 -1.54 10.97 -13.22
C ALA A 224 -1.15 10.99 -11.75
N LEU A 225 -1.25 9.82 -11.11
CA LEU A 225 -0.85 9.60 -9.73
C LEU A 225 0.03 8.37 -9.66
N GLN A 226 1.19 8.48 -9.05
CA GLN A 226 2.11 7.37 -8.92
C GLN A 226 2.24 6.92 -7.48
N PRO A 227 1.75 5.75 -7.13
CA PRO A 227 1.91 5.27 -5.76
C PRO A 227 3.33 4.75 -5.53
N PRO A 228 3.74 4.56 -4.29
CA PRO A 228 5.09 4.10 -3.97
C PRO A 228 5.49 2.84 -4.78
N PHE A 229 6.58 2.97 -5.51
CA PHE A 229 7.24 1.82 -6.17
C PHE A 229 6.44 1.32 -7.35
N GLN A 230 5.46 2.06 -7.86
CA GLN A 230 4.61 1.63 -8.93
C GLN A 230 4.68 2.62 -10.09
N LYS A 231 4.15 2.20 -11.26
CA LYS A 231 4.09 3.09 -12.38
C LYS A 231 2.92 4.08 -12.22
N PRO A 232 2.97 5.21 -12.92
CA PRO A 232 1.87 6.17 -12.81
C PRO A 232 0.55 5.60 -13.26
N ILE A 233 -0.50 5.88 -12.49
CA ILE A 233 -1.89 5.63 -12.90
C ILE A 233 -2.37 6.88 -13.63
N ALA A 234 -2.74 6.75 -14.92
CA ALA A 234 -2.95 7.91 -15.78
C ALA A 234 -4.43 8.17 -16.10
N GLY A 235 -4.85 9.42 -15.93
CA GLY A 235 -6.20 9.81 -16.28
C GLY A 235 -7.19 9.68 -15.16
N LYS A 236 -8.17 10.60 -15.17
CA LYS A 236 -9.13 10.67 -14.07
C LYS A 236 -9.85 9.35 -13.85
N GLU A 237 -10.23 8.68 -14.93
CA GLU A 237 -11.00 7.41 -14.85
C GLU A 237 -10.23 6.44 -13.96
N ALA A 238 -8.97 6.18 -14.27
CA ALA A 238 -8.17 5.16 -13.54
C ALA A 238 -7.75 5.64 -12.15
N VAL A 239 -7.49 6.95 -12.02
CA VAL A 239 -7.11 7.49 -10.71
C VAL A 239 -8.28 7.43 -9.76
N TYR A 240 -9.49 7.78 -10.25
CA TYR A 240 -10.70 7.71 -9.44
C TYR A 240 -11.00 6.29 -8.98
N ARG A 241 -10.82 5.29 -9.85
CA ARG A 241 -10.98 3.91 -9.42
C ARG A 241 -9.98 3.52 -8.34
N PHE A 242 -8.71 3.87 -8.55
CA PHE A 242 -7.70 3.59 -7.51
C PHE A 242 -8.09 4.17 -6.19
N PHE A 243 -8.52 5.45 -6.19
CA PHE A 243 -8.96 6.07 -4.97
C PHE A 243 -10.03 5.22 -4.26
N ARG A 244 -11.09 4.89 -4.97
CA ARG A 244 -12.23 4.23 -4.36
C ARG A 244 -11.91 2.80 -3.97
N GLU A 245 -11.00 2.16 -4.70
CA GLU A 245 -10.65 0.76 -4.44
C GLU A 245 -9.64 0.60 -3.32
N ASP A 246 -8.58 1.46 -3.31
CA ASP A 246 -7.43 1.21 -2.47
C ASP A 246 -7.17 2.26 -1.40
N CYS A 247 -7.85 3.41 -1.43
CA CYS A 247 -7.38 4.55 -0.65
C CYS A 247 -8.36 5.00 0.45
N GLN A 248 -9.23 4.15 0.93
CA GLN A 248 -10.15 4.58 1.94
C GLN A 248 -9.50 4.55 3.30
N ASN A 249 -9.94 5.46 4.16
CA ASN A 249 -9.66 5.51 5.57
C ASN A 249 -8.18 5.70 5.89
N LEU A 250 -7.43 6.31 4.97
CA LEU A 250 -6.08 6.76 5.25
C LEU A 250 -6.12 7.99 6.17
N LYS A 251 -5.02 8.22 6.88
CA LYS A 251 -4.82 9.45 7.60
C LYS A 251 -3.50 10.06 7.14
N LEU A 252 -3.60 11.15 6.38
CA LEU A 252 -2.43 11.90 5.91
C LEU A 252 -2.12 12.98 6.93
N ILE A 253 -0.89 13.03 7.38
CA ILE A 253 -0.39 13.95 8.37
C ILE A 253 0.81 14.66 7.78
N PRO A 254 0.59 15.57 6.80
CA PRO A 254 1.71 16.34 6.27
C PRO A 254 2.27 17.32 7.29
N GLN A 255 3.54 17.59 7.15
CA GLN A 255 4.32 18.44 8.12
C GLN A 255 4.83 19.72 7.47
N ARG A 256 5.50 19.63 6.30
CA ARG A 256 6.21 20.75 5.75
C ARG A 256 6.32 20.57 4.24
N GLY A 257 6.59 21.68 3.55
CA GLY A 257 6.80 21.59 2.12
C GLY A 257 7.44 22.82 1.56
N VAL A 258 7.79 22.70 0.28
CA VAL A 258 8.36 23.78 -0.48
C VAL A 258 7.72 23.82 -1.85
N SER A 259 7.69 25.04 -2.45
CA SER A 259 7.05 25.28 -3.72
C SER A 259 8.04 26.02 -4.61
N GLU A 260 8.08 25.67 -5.87
CA GLU A 260 9.00 26.24 -6.84
C GLU A 260 8.35 26.42 -8.19
N ALA A 261 8.31 27.69 -8.67
CA ALA A 261 7.88 27.93 -10.02
C ALA A 261 8.86 27.36 -11.01
N VAL A 262 8.35 26.64 -11.97
CA VAL A 262 9.16 26.16 -13.08
C VAL A 262 8.49 26.70 -14.34
N GLU A 263 8.68 26.01 -15.45
CA GLU A 263 8.34 26.61 -16.73
C GLU A 263 6.84 26.84 -16.86
N ASP A 264 6.48 28.00 -17.42
CA ASP A 264 5.19 28.15 -18.07
C ASP A 264 4.07 28.27 -17.04
N GLY A 265 4.35 28.94 -15.93
CA GLY A 265 3.40 29.05 -14.85
C GLY A 265 3.15 27.77 -14.09
N TYR A 266 3.76 26.64 -14.50
CA TYR A 266 3.63 25.47 -13.65
C TYR A 266 4.44 25.63 -12.36
N THR A 267 4.15 24.74 -11.41
CA THR A 267 4.73 24.88 -10.09
C THR A 267 4.95 23.45 -9.60
N GLN A 268 6.12 23.18 -9.11
CA GLN A 268 6.40 21.85 -8.51
C GLN A 268 6.43 22.05 -6.98
N ILE A 269 5.79 21.13 -6.25
CA ILE A 269 5.66 21.24 -4.81
C ILE A 269 6.07 19.90 -4.23
N LYS A 270 6.84 19.93 -3.14
CA LYS A 270 7.21 18.75 -2.38
C LYS A 270 6.68 18.94 -0.97
N VAL A 271 5.98 17.93 -0.44
CA VAL A 271 5.50 17.90 0.94
C VAL A 271 6.07 16.65 1.60
N THR A 272 6.42 16.75 2.89
CA THR A 272 6.84 15.53 3.61
C THR A 272 5.97 15.43 4.85
N GLY A 273 5.87 14.21 5.37
CA GLY A 273 5.01 13.96 6.53
C GLY A 273 4.84 12.49 6.76
N THR A 274 3.79 12.14 7.49
CA THR A 274 3.51 10.72 7.71
C THR A 274 2.14 10.36 7.21
N VAL A 275 1.93 9.06 7.01
CA VAL A 275 0.66 8.50 6.65
C VAL A 275 0.39 7.29 7.51
N GLN A 276 -0.84 7.18 7.98
CA GLN A 276 -1.33 6.00 8.67
C GLN A 276 -2.31 5.26 7.78
N THR A 277 -2.16 3.93 7.74
CA THR A 277 -3.13 3.07 7.14
C THR A 277 -4.14 2.58 8.20
N PRO A 278 -5.39 2.34 7.81
CA PRO A 278 -6.36 1.86 8.79
C PRO A 278 -5.97 0.48 9.36
N TRP A 279 -5.08 -0.25 8.72
CA TRP A 279 -4.69 -1.56 9.25
C TRP A 279 -3.88 -1.45 10.54
N PHE A 280 -3.19 -0.32 10.78
CA PHE A 280 -2.33 -0.20 11.96
C PHE A 280 -2.54 1.10 12.71
N GLY A 281 -3.25 2.03 12.16
CA GLY A 281 -3.58 3.24 12.86
C GLY A 281 -2.34 3.96 13.24
N ALA A 282 -2.36 4.53 14.46
CA ALA A 282 -1.20 5.28 14.89
C ALA A 282 -0.01 4.43 15.27
N SER A 283 -0.11 3.10 15.22
CA SER A 283 1.00 2.28 15.65
C SER A 283 2.12 2.18 14.59
N VAL A 284 1.80 2.61 13.36
CA VAL A 284 2.82 2.68 12.30
C VAL A 284 2.61 4.00 11.58
N GLY A 285 3.60 4.84 11.64
CA GLY A 285 3.62 6.06 10.88
C GLY A 285 4.65 5.95 9.76
N MET A 286 4.14 5.93 8.53
CA MET A 286 5.00 5.76 7.32
C MET A 286 5.48 7.14 6.94
N ASN A 287 6.80 7.28 6.79
CA ASN A 287 7.39 8.54 6.43
C ASN A 287 7.27 8.70 4.90
N MET A 288 6.61 9.73 4.44
CA MET A 288 6.17 9.86 3.08
C MET A 288 6.64 11.23 2.52
N ALA A 289 6.84 11.27 1.21
CA ALA A 289 6.88 12.52 0.47
C ALA A 289 5.81 12.48 -0.60
N TRP A 290 5.33 13.68 -0.95
CA TRP A 290 4.42 13.93 -2.04
C TRP A 290 5.13 14.92 -2.95
N ARG A 291 5.14 14.63 -4.24
CA ARG A 291 5.81 15.47 -5.23
C ARG A 291 4.79 15.81 -6.30
N PHE A 292 4.34 17.09 -6.32
CA PHE A 292 3.25 17.48 -7.18
C PHE A 292 3.77 18.39 -8.32
N LEU A 293 3.20 18.26 -9.50
CA LEU A 293 3.37 19.22 -10.59
C LEU A 293 1.99 19.83 -10.88
N LEU A 294 1.88 21.14 -10.66
CA LEU A 294 0.61 21.85 -10.80
C LEU A 294 0.66 22.80 -11.99
N THR A 295 -0.46 22.88 -12.69
CA THR A 295 -0.60 23.81 -13.80
C THR A 295 -0.79 25.22 -13.23
N PRO A 296 -0.77 26.24 -14.09
CA PRO A 296 -1.03 27.61 -13.62
C PRO A 296 -2.40 27.78 -12.97
N GLU A 297 -3.33 26.86 -13.23
CA GLU A 297 -4.67 26.89 -12.67
C GLU A 297 -4.77 26.04 -11.42
N ASN A 298 -3.63 25.67 -10.83
CA ASN A 298 -3.58 24.84 -9.64
C ASN A 298 -4.23 23.45 -9.81
N LYS A 299 -4.18 22.93 -11.02
CA LYS A 299 -4.66 21.56 -11.24
C LYS A 299 -3.48 20.60 -11.17
N ILE A 300 -3.76 19.38 -10.66
CA ILE A 300 -2.69 18.40 -10.50
C ILE A 300 -2.48 17.73 -11.86
N PHE A 301 -1.35 18.00 -12.48
CA PHE A 301 -0.92 17.25 -13.65
C PHE A 301 -0.30 15.90 -13.27
N PHE A 302 0.41 15.87 -12.15
CA PHE A 302 1.15 14.69 -11.70
C PHE A 302 1.35 14.83 -10.22
N VAL A 303 1.14 13.72 -9.51
CA VAL A 303 1.57 13.64 -8.11
C VAL A 303 2.21 12.25 -7.93
N ALA A 304 3.38 12.21 -7.30
CA ALA A 304 4.04 10.97 -6.91
C ALA A 304 4.01 10.94 -5.39
N ILE A 305 3.77 9.76 -4.85
CA ILE A 305 3.78 9.52 -3.44
C ILE A 305 4.87 8.50 -3.16
N ASP A 306 5.81 8.86 -2.31
CA ASP A 306 7.05 8.11 -2.08
C ASP A 306 7.13 7.66 -0.64
N LEU A 307 7.56 6.41 -0.38
CA LEU A 307 7.95 5.98 0.93
C LEU A 307 9.41 6.34 1.12
N LEU A 308 9.75 7.12 2.13
CA LEU A 308 11.10 7.64 2.29
C LEU A 308 12.06 6.67 2.96
N ALA A 309 13.34 6.78 2.60
CA ALA A 309 14.35 5.84 3.05
C ALA A 309 14.58 5.92 4.55
N SER A 310 14.43 7.09 5.14
CA SER A 310 14.64 7.25 6.59
C SER A 310 14.00 8.55 7.03
N PRO A 311 13.87 8.76 8.34
CA PRO A 311 13.35 10.05 8.79
C PRO A 311 14.16 11.29 8.41
N LYS A 312 15.48 11.22 8.19
CA LYS A 312 16.25 12.38 7.70
C LYS A 312 15.61 12.99 6.48
N GLU A 313 15.01 12.15 5.64
CA GLU A 313 14.48 12.67 4.39
C GLU A 313 13.25 13.52 4.61
N LEU A 314 12.63 13.50 5.79
CA LEU A 314 11.54 14.40 6.05
C LEU A 314 11.94 15.84 6.00
N LEU A 315 13.22 16.14 6.22
CA LEU A 315 13.68 17.53 6.20
C LEU A 315 14.39 17.91 4.91
N ASN A 316 14.42 17.02 3.93
CA ASN A 316 15.02 17.26 2.64
C ASN A 316 14.02 17.96 1.75
N LEU A 317 14.10 19.31 1.68
CA LEU A 317 13.13 20.15 1.01
C LEU A 317 13.84 21.23 0.24
N VAL A 318 14.34 20.87 -0.91
CA VAL A 318 15.18 21.77 -1.71
C VAL A 318 14.25 22.72 -2.49
N ARG A 319 14.50 24.02 -2.34
CA ARG A 319 13.61 25.03 -2.92
C ARG A 319 14.05 25.56 -4.27
N HIS A 320 15.28 25.33 -4.70
CA HIS A 320 15.72 25.77 -6.02
C HIS A 320 16.46 24.65 -6.72
N HIS A 321 16.11 24.42 -7.97
CA HIS A 321 16.73 23.42 -8.81
C HIS A 321 17.23 24.14 -10.10
O01 45D B . -1.52 10.63 -1.08
O02 45D B . 2.25 -15.88 4.09
C03 45D B . -1.85 6.58 -1.68
C04 45D B . 0.76 -15.30 7.98
C05 45D B . -2.93 7.51 -2.22
C06 45D B . 1.96 -16.18 7.57
C07 45D B . -1.35 7.06 -0.33
C08 45D B . 0.55 -14.26 6.86
C09 45D B . -2.38 8.91 -2.44
C10 45D B . 1.84 -16.78 6.23
C11 45D B . -0.75 6.47 -2.75
C12 45D B . -2.54 5.14 -1.68
C13 45D B . -0.52 -16.15 8.15
C14 45D B . 1.00 -14.63 9.28
C15 45D B . -1.25 8.47 -0.17
C16 45D B . 1.02 -14.51 5.53
C17 45D B . -1.72 9.35 -1.20
C18 45D B . 1.74 -15.69 5.18
C19 45D B . -0.63 6.22 0.50
C20 45D B . -0.19 -13.12 7.15
C21 45D B . -0.66 9.09 1.02
C22 45D B . 0.61 -13.63 4.36
C23 45D B . -0.95 4.99 1.00
C24 45D B . 0.10 -11.85 6.88
C25 45D B . -0.16 4.10 1.69
C26 45D B . -0.60 -10.75 7.10
C27 45D B . 1.33 4.40 1.75
C28 45D B . -1.94 -10.90 7.82
C29 45D B . -0.62 2.92 2.21
C30 45D B . -0.16 -9.47 6.86
C31 45D B . 0.10 1.90 2.79
C32 45D B . -0.82 -8.30 6.98
C33 45D B . -0.47 0.80 3.35
C34 45D B . -0.32 -7.09 6.60
C35 45D B . 0.12 -0.32 3.85
C36 45D B . -0.92 -5.84 6.49
C37 45D B . -0.56 -1.32 4.51
C38 45D B . -0.28 -4.78 5.90
C39 45D B . 1.63 -0.43 3.60
C40 45D B . -2.30 -5.65 6.96
C41 45D B . -0.10 -2.53 4.94
C42 45D B . -0.81 -3.53 5.57
H052 45D B . -3.79 7.54 -1.54
H051 45D B . -3.33 7.12 -3.17
H062 45D B . 2.90 -15.60 7.64
H061 45D B . 2.10 -16.99 8.32
H092 45D B . -3.18 9.63 -2.73
H091 45D B . -1.70 8.97 -3.30
H102 45D B . 0.98 -17.46 6.20
H101 45D B . 2.70 -17.45 6.05
H113 45D B . -0.13 7.38 -2.75
H111 45D B . -1.19 6.36 -3.76
H112 45D B . -0.10 5.60 -2.56
H122 45D B . -3.37 5.08 -0.97
H123 45D B . -2.95 4.89 -2.66
H121 45D B . -1.84 4.35 -1.41
H131 45D B . -1.39 -15.50 8.37
H132 45D B . -0.40 -16.86 8.99
H133 45D B . -0.74 -16.72 7.23
H141 45D B . 0.06 -14.21 9.69
H143 45D B . 1.73 -13.80 9.18
H142 45D B . 1.41 -15.34 10.02
H191 45D B . 0.35 6.62 0.80
H201 45D B . -1.13 -13.32 7.66
H212 45D B . -0.99 8.55 1.93
H213 45D B . -1.00 10.14 1.09
H211 45D B . 0.43 9.07 0.96
H223 45D B . 1.33 -12.82 4.12
H222 45D B . -0.34 -13.11 4.49
H221 45D B . 0.50 -14.16 3.41
H231 45D B . -1.97 4.62 0.84
H241 45D B . 1.05 -11.63 6.40
H273 45D B . 1.55 5.46 1.86
H272 45D B . 1.83 3.90 2.59
H271 45D B . 1.86 4.07 0.84
H281 45D B . -1.94 -11.70 8.58
H282 45D B . -2.26 -10.01 8.35
H283 45D B . -2.78 -11.15 7.16
H291 45D B . -1.69 2.73 2.16
H301 45D B . 0.87 -9.35 6.52
H311 45D B . 1.18 2.00 2.80
H321 45D B . -1.82 -8.35 7.42
H331 45D B . -1.56 0.78 3.43
H341 45D B . 0.73 -7.06 6.31
H371 45D B . -1.61 -1.15 4.71
H381 45D B . 0.78 -4.89 5.66
H393 45D B . 2.16 0.51 3.83
H392 45D B . 2.10 -1.21 4.19
H391 45D B . 1.86 -0.65 2.55
H401 45D B . -2.47 -4.67 7.43
H402 45D B . -3.06 -5.73 6.17
H403 45D B . -2.61 -6.38 7.72
H411 45D B . 0.97 -2.71 4.77
H421 45D B . -1.86 -3.36 5.83
#